data_4XRS
#
_entry.id   4XRS
#
_cell.length_a   69.636
_cell.length_b   69.845
_cell.length_c   116.888
_cell.angle_alpha   90.000
_cell.angle_beta   90.000
_cell.angle_gamma   90.000
#
_symmetry.space_group_name_H-M   'P 21 21 21'
#
loop_
_entity.id
_entity.type
_entity.pdbx_description
1 polymer "DNA (5'-D(P*CP*AP*AP*TP*TP*AP*TP*CP*CP*TP*GP*TP*CP*AP*A)-3')"
2 polymer "DNA (5'-D(P*AP*CP*AP*AP*TP*TP*AP*TP*CP*CP*TP*GP*TP*CP*AP*AP*C)-3')"
3 polymer "DNA (5'-D(P*GP*TP*TP*GP*AP*CP*AP*GP*GP*AP*TP*AP*AP*TP*TP*GP*TP*T)-3')"
4 polymer "DNA (5'-D(P*TP*TP*GP*AP*CP*AP*GP*GP*AP*TP*AP*AP*TP*TP*GP*T)-3')"
5 polymer 'Homeobox protein Meis1'
6 polymer 'Homeobox protein DLX-3'
#
loop_
_entity_poly.entity_id
_entity_poly.type
_entity_poly.pdbx_seq_one_letter_code
_entity_poly.pdbx_strand_id
1 'polydeoxyribonucleotide' (DC)(DA)(DA)(DT)(DT)(DA)(DT)(DC)(DC)(DT)(DG)(DT)(DC)(DA)(DA) M
2 'polydeoxyribonucleotide' (DA)(DC)(DA)(DA)(DT)(DT)(DA)(DT)(DC)(DC)(DT)(DG)(DT)(DC)(DA)(DA)(DC) D
3 'polydeoxyribonucleotide' (DG)(DT)(DT)(DG)(DA)(DC)(DA)(DG)(DG)(DA)(DT)(DA)(DA)(DT)(DT)(DG)(DT)(DT) E
4 'polydeoxyribonucleotide' (DG)(DT)(DT)(DG)(DA)(DC)(DA)(DG)(DG)(DA)(DT)(DA)(DA)(DT)(DT)(DG)(DT) L
5 'polypeptide(L)' FPKVATNIMRAWLFQHLTHPYPSEEQKKQLAQDTGLTILQVNNWFINARRRIVQPMID A,B
6 'polypeptide(L)' KPRTIYSSYQLAALQRRFQKAQYLALPERAELAAQLGLTQTQVKIWFQNRRSKFKK G,I
#
# COMPACT_ATOMS: atom_id res chain seq x y z
N PRO E 2 3.08 -4.13 32.04
CA PRO E 2 3.47 -3.87 30.66
C PRO E 2 3.10 -5.00 29.70
N LYS E 3 2.80 -6.18 30.24
CA LYS E 3 2.76 -7.38 29.42
C LYS E 3 1.72 -7.28 28.31
N VAL E 4 2.09 -7.76 27.12
CA VAL E 4 1.18 -7.84 25.99
C VAL E 4 0.65 -6.44 25.63
N ALA E 5 1.43 -5.41 25.99
CA ALA E 5 1.29 -4.07 25.44
C ALA E 5 2.30 -3.97 24.31
N THR E 6 2.82 -5.13 23.89
CA THR E 6 4.04 -5.23 23.10
C THR E 6 3.86 -6.00 21.80
N ASN E 7 3.43 -7.26 21.92
CA ASN E 7 3.36 -8.15 20.76
C ASN E 7 2.33 -7.62 19.77
N ILE E 8 1.37 -6.83 20.28
CA ILE E 8 0.56 -5.98 19.43
C ILE E 8 1.46 -5.08 18.60
N MET E 9 2.42 -4.44 19.27
CA MET E 9 3.32 -3.50 18.65
C MET E 9 4.27 -4.19 17.67
N ARG E 10 4.63 -5.42 18.00
CA ARG E 10 5.64 -6.17 17.27
C ARG E 10 5.01 -6.95 16.13
N ALA E 11 3.80 -7.46 16.36
CA ALA E 11 3.10 -8.24 15.35
C ALA E 11 2.74 -7.38 14.14
N TRP E 12 2.42 -6.10 14.37
CA TRP E 12 2.22 -5.19 13.25
C TRP E 12 3.56 -4.76 12.68
N LEU E 13 4.64 -4.88 13.47
CA LEU E 13 5.90 -4.17 13.19
C LEU E 13 6.52 -4.61 11.87
N PHE E 14 6.03 -5.72 11.35
CA PHE E 14 6.39 -6.19 10.03
C PHE E 14 5.92 -5.14 9.01
N GLN E 15 4.93 -4.34 9.39
CA GLN E 15 4.40 -3.27 8.54
C GLN E 15 5.36 -2.07 8.39
N HIS E 16 5.89 -1.55 9.49
CA HIS E 16 6.84 -0.44 9.45
C HIS E 16 8.15 -0.88 10.07
N LEU E 17 8.61 -2.07 9.70
CA LEU E 17 9.92 -2.57 10.09
C LEU E 17 10.98 -1.64 9.52
N THR E 18 10.85 -1.39 8.22
CA THR E 18 11.80 -0.56 7.47
C THR E 18 11.78 0.89 7.90
N HIS E 19 10.59 1.38 8.23
CA HIS E 19 10.34 2.81 8.33
C HIS E 19 9.61 3.14 9.62
N PRO E 20 10.31 3.05 10.75
CA PRO E 20 9.80 3.66 11.98
C PRO E 20 9.74 5.18 11.83
N TYR E 21 8.83 5.60 10.95
CA TYR E 21 8.43 6.99 10.82
C TYR E 21 6.90 7.00 10.83
N PRO E 22 6.33 6.59 11.97
CA PRO E 22 4.88 6.56 12.16
C PRO E 22 4.29 7.96 12.12
N SER E 23 3.06 8.10 11.63
CA SER E 23 2.38 9.40 11.62
C SER E 23 2.11 9.87 13.04
N GLU E 24 2.21 11.19 13.25
CA GLU E 24 2.11 11.78 14.58
C GLU E 24 0.78 11.55 15.30
N GLU E 25 -0.29 11.40 14.54
CA GLU E 25 -1.58 11.01 15.09
C GLU E 25 -1.82 9.50 14.91
N GLN E 26 -0.99 8.86 14.12
CA GLN E 26 -1.02 7.40 14.01
C GLN E 26 -0.36 6.78 15.24
N LYS E 27 0.39 7.59 15.97
CA LYS E 27 0.93 7.18 17.25
C LYS E 27 -0.23 6.91 18.20
N LYS E 28 -1.32 7.64 18.00
CA LYS E 28 -2.50 7.55 18.85
C LYS E 28 -3.25 6.24 18.68
N GLN E 29 -3.48 5.84 17.44
CA GLN E 29 -4.22 4.63 17.15
C GLN E 29 -3.38 3.40 17.53
N LEU E 30 -2.07 3.60 17.66
CA LEU E 30 -1.19 2.61 18.28
C LEU E 30 -0.98 2.91 19.77
N ALA E 31 -1.15 4.18 20.16
CA ALA E 31 -1.12 4.53 21.58
C ALA E 31 -2.35 3.98 22.27
N GLN E 32 -3.43 4.76 22.26
CA GLN E 32 -4.60 4.53 23.12
C GLN E 32 -5.09 3.09 23.13
N ASP E 33 -5.00 2.41 21.99
CA ASP E 33 -5.41 1.01 21.88
C ASP E 33 -4.57 0.16 22.82
N THR E 34 -3.35 0.64 23.07
CA THR E 34 -2.51 0.13 24.15
C THR E 34 -2.31 1.23 25.19
N GLY E 35 -2.25 2.47 24.71
CA GLY E 35 -2.28 3.65 25.53
C GLY E 35 -1.05 3.96 26.35
N LEU E 36 -1.28 4.60 27.50
CA LEU E 36 -0.25 5.16 28.36
C LEU E 36 0.37 6.39 27.71
N THR E 37 1.29 7.04 28.43
CA THR E 37 1.77 8.36 28.03
C THR E 37 2.37 8.29 26.64
N ILE E 38 1.97 9.23 25.79
CA ILE E 38 2.35 9.22 24.38
C ILE E 38 3.86 9.39 24.24
N LEU E 39 4.46 10.08 25.20
CA LEU E 39 5.91 10.26 25.28
C LEU E 39 6.65 8.95 25.56
N GLN E 40 6.03 8.06 26.33
CA GLN E 40 6.64 6.76 26.66
C GLN E 40 6.65 5.80 25.47
N VAL E 41 5.79 6.09 24.49
CA VAL E 41 5.52 5.14 23.41
C VAL E 41 6.48 5.34 22.25
N ASN E 42 6.84 6.59 21.99
CA ASN E 42 7.87 6.87 21.00
C ASN E 42 9.16 6.23 21.48
N ASN E 43 9.40 6.35 22.78
CA ASN E 43 10.63 5.86 23.40
C ASN E 43 10.79 4.35 23.28
N TRP E 44 9.70 3.61 23.40
CA TRP E 44 9.79 2.16 23.34
C TRP E 44 10.09 1.68 21.92
N PHE E 45 9.68 2.45 20.94
CA PHE E 45 9.93 2.12 19.54
C PHE E 45 11.25 2.66 19.04
N ILE E 46 11.99 3.32 19.94
CA ILE E 46 13.30 3.86 19.62
C ILE E 46 14.27 3.41 20.70
N ASN E 47 13.90 2.32 21.37
CA ASN E 47 14.80 1.58 22.26
C ASN E 47 14.78 0.09 21.88
N ALA E 48 14.50 -0.17 20.61
CA ALA E 48 14.34 -1.53 20.12
C ALA E 48 14.82 -1.69 18.67
N ARG E 49 15.23 -0.57 18.05
CA ARG E 49 15.82 -0.65 16.71
C ARG E 49 17.10 -1.46 16.79
N ARG E 50 17.74 -1.40 17.95
CA ARG E 50 19.06 -1.98 18.17
C ARG E 50 19.04 -3.32 18.90
N ARG E 51 17.91 -3.69 19.51
CA ARG E 51 17.86 -4.91 20.32
C ARG E 51 18.19 -6.10 19.44
N ILE E 52 17.73 -6.02 18.20
CA ILE E 52 18.00 -7.02 17.19
C ILE E 52 18.00 -6.29 15.85
N VAL E 53 17.93 -7.01 14.75
CA VAL E 53 18.06 -6.45 13.40
C VAL E 53 19.44 -5.78 13.23
N GLN E 54 19.85 -4.96 14.20
CA GLN E 54 21.19 -4.38 14.27
C GLN E 54 22.34 -5.42 14.26
N PRO E 55 22.22 -6.49 15.07
CA PRO E 55 23.22 -7.55 14.99
C PRO E 55 22.94 -8.52 13.84
N MET E 56 21.72 -8.46 13.30
CA MET E 56 21.27 -9.40 12.29
C MET E 56 21.95 -9.17 10.94
N ILE E 57 22.56 -8.00 10.77
CA ILE E 57 23.37 -7.73 9.60
C ILE E 57 24.53 -8.71 9.51
N PHE F 1 -23.28 -21.90 8.91
CA PHE F 1 -22.76 -22.37 10.18
C PHE F 1 -23.61 -23.61 10.61
N PRO F 2 -24.50 -23.54 11.63
CA PRO F 2 -25.36 -24.73 11.71
C PRO F 2 -26.29 -25.01 10.52
N LYS F 3 -26.50 -26.30 10.25
CA LYS F 3 -27.54 -26.76 9.32
C LYS F 3 -27.35 -26.20 7.91
N VAL F 4 -28.44 -26.14 7.15
CA VAL F 4 -28.38 -25.87 5.73
C VAL F 4 -27.83 -24.49 5.36
N ALA F 5 -27.83 -23.52 6.27
CA ALA F 5 -27.38 -22.16 5.93
C ALA F 5 -25.99 -22.17 5.32
N THR F 6 -25.11 -23.02 5.86
CA THR F 6 -23.82 -23.31 5.24
C THR F 6 -23.99 -24.06 3.91
N ASN F 7 -24.99 -24.92 3.86
CA ASN F 7 -25.23 -25.79 2.71
C ASN F 7 -26.10 -25.16 1.62
N ILE F 8 -27.11 -24.42 2.06
CA ILE F 8 -28.20 -23.97 1.20
C ILE F 8 -27.65 -23.05 0.13
N MET F 9 -26.53 -22.43 0.45
CA MET F 9 -25.77 -21.61 -0.48
C MET F 9 -24.96 -22.45 -1.47
N ARG F 10 -24.21 -23.42 -0.96
CA ARG F 10 -23.28 -24.17 -1.81
C ARG F 10 -24.00 -24.93 -2.92
N ALA F 11 -25.20 -25.42 -2.62
CA ALA F 11 -26.08 -26.00 -3.64
C ALA F 11 -26.55 -24.93 -4.61
N TRP F 12 -26.66 -23.72 -4.09
CA TRP F 12 -27.30 -22.59 -4.76
C TRP F 12 -26.30 -21.75 -5.58
N LEU F 13 -25.03 -21.76 -5.16
CA LEU F 13 -24.02 -20.86 -5.73
C LEU F 13 -23.02 -21.48 -6.73
N PHE F 14 -22.84 -22.80 -6.69
CA PHE F 14 -21.76 -23.41 -7.47
C PHE F 14 -21.97 -23.09 -8.95
N GLN F 15 -23.24 -22.96 -9.31
CA GLN F 15 -23.65 -22.55 -10.65
C GLN F 15 -23.02 -21.22 -11.01
N HIS F 16 -22.75 -20.42 -9.98
CA HIS F 16 -22.08 -19.14 -10.17
C HIS F 16 -20.57 -19.31 -10.41
N LEU F 17 -19.97 -20.46 -10.10
CA LEU F 17 -18.53 -20.50 -9.80
C LEU F 17 -17.65 -19.84 -10.87
N THR F 18 -18.10 -19.85 -12.13
CA THR F 18 -17.44 -19.08 -13.18
C THR F 18 -17.70 -17.58 -13.01
N HIS F 19 -18.90 -17.25 -12.54
CA HIS F 19 -19.29 -15.87 -12.24
C HIS F 19 -19.91 -15.73 -10.83
N PRO F 20 -19.07 -15.84 -9.78
CA PRO F 20 -19.54 -15.49 -8.44
C PRO F 20 -19.46 -13.97 -8.22
N TYR F 21 -20.30 -13.27 -8.96
CA TYR F 21 -20.35 -11.81 -8.92
C TYR F 21 -21.78 -11.46 -8.59
N PRO F 22 -22.18 -11.69 -7.33
CA PRO F 22 -23.56 -11.63 -6.86
C PRO F 22 -24.15 -10.23 -7.01
N SER F 23 -25.45 -10.14 -7.27
CA SER F 23 -26.15 -8.88 -7.09
C SER F 23 -26.00 -8.51 -5.61
N GLU F 24 -25.91 -7.23 -5.31
CA GLU F 24 -25.83 -6.80 -3.91
C GLU F 24 -27.11 -7.22 -3.22
N GLU F 25 -28.20 -7.25 -3.99
CA GLU F 25 -29.47 -7.82 -3.53
C GLU F 25 -29.38 -9.33 -3.35
N GLN F 26 -28.49 -9.99 -4.10
CA GLN F 26 -28.45 -11.45 -4.16
C GLN F 26 -28.18 -12.03 -2.78
N LYS F 27 -27.39 -11.31 -1.99
CA LYS F 27 -27.26 -11.64 -0.58
C LYS F 27 -28.55 -11.30 0.14
N LYS F 28 -28.99 -10.05 -0.04
CA LYS F 28 -30.15 -9.51 0.68
C LYS F 28 -31.44 -10.24 0.33
N GLN F 29 -31.51 -10.71 -0.91
CA GLN F 29 -32.66 -11.44 -1.41
C GLN F 29 -32.76 -12.75 -0.67
N LEU F 30 -31.61 -13.23 -0.25
CA LEU F 30 -31.48 -14.52 0.41
C LEU F 30 -30.89 -14.30 1.81
N ALA F 31 -30.56 -13.06 2.13
CA ALA F 31 -30.24 -12.70 3.50
C ALA F 31 -31.52 -12.82 4.31
N GLN F 32 -32.65 -12.57 3.66
CA GLN F 32 -33.97 -12.74 4.26
C GLN F 32 -34.45 -14.19 4.14
N ASP F 33 -33.71 -15.00 3.39
CA ASP F 33 -33.85 -16.46 3.43
C ASP F 33 -33.07 -16.96 4.65
N THR F 34 -32.44 -16.03 5.37
CA THR F 34 -31.93 -16.30 6.72
C THR F 34 -32.15 -15.11 7.67
N GLY F 35 -32.58 -13.97 7.13
CA GLY F 35 -32.79 -12.76 7.93
C GLY F 35 -31.47 -12.13 8.33
N LEU F 36 -30.41 -12.65 7.75
CA LEU F 36 -29.05 -12.45 8.24
C LEU F 36 -28.44 -11.11 7.80
N THR F 37 -27.54 -10.58 8.61
CA THR F 37 -26.79 -9.40 8.22
C THR F 37 -25.95 -9.74 6.99
N ILE F 38 -25.89 -8.80 6.05
CA ILE F 38 -25.25 -8.99 4.76
C ILE F 38 -23.72 -8.93 4.87
N LEU F 39 -23.22 -8.51 6.04
CA LEU F 39 -21.80 -8.37 6.28
C LEU F 39 -21.13 -9.69 6.70
N GLN F 40 -21.80 -10.44 7.56
CA GLN F 40 -21.21 -11.65 8.15
C GLN F 40 -21.28 -12.79 7.15
N VAL F 41 -22.03 -12.59 6.08
CA VAL F 41 -22.12 -13.57 5.00
C VAL F 41 -20.79 -13.64 4.28
N ASN F 42 -20.22 -12.46 4.07
CA ASN F 42 -19.01 -12.31 3.25
C ASN F 42 -17.80 -12.97 3.87
N ASN F 43 -17.80 -13.08 5.20
CA ASN F 43 -16.71 -13.70 5.92
C ASN F 43 -16.90 -15.22 5.96
N TRP F 44 -17.90 -15.68 5.20
CA TRP F 44 -18.06 -17.09 4.85
C TRP F 44 -18.04 -17.21 3.33
N PHE F 45 -18.75 -16.30 2.66
CA PHE F 45 -18.80 -16.26 1.20
C PHE F 45 -17.42 -15.97 0.63
N ILE F 46 -16.74 -14.97 1.18
CA ILE F 46 -15.44 -14.52 0.66
C ILE F 46 -14.28 -15.24 1.35
N ASN F 47 -14.49 -15.65 2.60
CA ASN F 47 -13.49 -16.44 3.30
C ASN F 47 -13.31 -17.78 2.59
N ALA F 48 -14.32 -18.18 1.83
CA ALA F 48 -14.28 -19.39 1.01
C ALA F 48 -14.35 -19.09 -0.49
N ARG F 49 -14.30 -17.82 -0.88
CA ARG F 49 -14.31 -17.45 -2.30
C ARG F 49 -13.00 -17.91 -2.93
N ARG F 50 -12.74 -19.21 -2.88
CA ARG F 50 -11.39 -19.71 -3.07
C ARG F 50 -11.26 -21.20 -3.43
N ARG F 51 -11.43 -22.03 -2.41
CA ARG F 51 -10.63 -23.24 -2.22
C ARG F 51 -10.74 -24.33 -3.30
N ILE F 52 -11.86 -24.38 -4.02
CA ILE F 52 -12.08 -25.46 -4.97
C ILE F 52 -11.71 -25.10 -6.41
N VAL F 53 -11.86 -23.83 -6.79
CA VAL F 53 -11.48 -23.36 -8.13
C VAL F 53 -10.13 -22.65 -8.14
N GLN F 54 -9.72 -22.14 -6.98
CA GLN F 54 -8.39 -21.56 -6.81
C GLN F 54 -7.26 -22.52 -7.22
N PRO F 55 -7.35 -23.80 -6.80
CA PRO F 55 -6.26 -24.73 -7.10
C PRO F 55 -5.96 -24.88 -8.60
N MET F 56 -6.96 -24.77 -9.45
CA MET F 56 -6.79 -25.02 -10.89
C MET F 56 -7.74 -24.16 -11.74
N ILE F 57 -7.52 -22.85 -11.73
CA ILE F 57 -8.32 -21.94 -12.55
C ILE F 57 -8.10 -22.18 -14.04
N ASP F 58 -6.87 -22.57 -14.39
CA ASP F 58 -6.41 -22.57 -15.77
C ASP F 58 -6.05 -23.98 -16.22
N LYS G 1 9.31 18.14 7.29
CA LYS G 1 8.73 17.39 8.40
C LYS G 1 8.12 16.10 7.84
N PRO G 2 8.35 14.95 8.52
CA PRO G 2 9.12 14.81 9.75
C PRO G 2 10.64 14.97 9.51
N ARG G 3 11.47 14.49 10.43
CA ARG G 3 12.91 14.70 10.34
C ARG G 3 13.56 14.11 9.09
N THR G 4 13.02 13.01 8.57
CA THR G 4 13.56 12.35 7.38
C THR G 4 15.03 11.95 7.54
N ILE G 5 15.28 10.70 7.91
CA ILE G 5 16.64 10.18 7.90
C ILE G 5 17.10 10.29 6.44
N TYR G 6 18.30 10.83 6.20
CA TYR G 6 18.81 10.90 4.84
C TYR G 6 19.15 9.49 4.34
N SER G 7 19.93 8.68 5.08
CA SER G 7 20.93 9.11 6.07
C SER G 7 22.00 8.03 6.17
N SER G 8 22.07 7.19 5.14
CA SER G 8 23.09 6.17 5.03
C SER G 8 24.43 6.83 4.66
N TYR G 9 24.85 6.74 3.40
CA TYR G 9 26.02 7.47 2.89
C TYR G 9 26.02 7.54 1.35
N GLN G 10 25.43 8.54 0.67
CA GLN G 10 24.58 9.67 1.13
C GLN G 10 25.32 10.94 1.61
N LEU G 11 25.81 10.93 2.84
CA LEU G 11 26.11 12.17 3.57
C LEU G 11 27.37 12.92 3.14
N ALA G 12 28.51 12.44 3.63
CA ALA G 12 29.72 13.25 3.67
C ALA G 12 30.39 13.35 2.31
N ALA G 13 29.68 12.90 1.27
CA ALA G 13 29.94 13.38 -0.07
C ALA G 13 29.73 14.90 -0.04
N LEU G 14 28.87 15.34 0.88
CA LEU G 14 28.63 16.76 1.16
C LEU G 14 29.71 17.45 1.99
N GLN G 15 30.20 16.79 3.03
CA GLN G 15 30.97 17.47 4.08
C GLN G 15 32.24 18.10 3.51
N ARG G 16 32.77 17.52 2.43
CA ARG G 16 33.81 18.16 1.65
C ARG G 16 33.20 19.08 0.60
N ARG G 17 32.00 18.75 0.13
CA ARG G 17 31.34 19.56 -0.87
C ARG G 17 31.06 20.94 -0.29
N PHE G 18 30.77 20.97 1.00
CA PHE G 18 30.67 22.21 1.76
C PHE G 18 32.04 22.87 1.78
N GLN G 19 33.09 22.07 1.99
CA GLN G 19 34.45 22.59 1.91
C GLN G 19 34.81 23.02 0.48
N LYS G 20 34.21 22.36 -0.51
CA LYS G 20 34.39 22.75 -1.93
C LYS G 20 33.52 23.94 -2.30
N ALA G 21 32.27 23.88 -1.87
CA ALA G 21 31.23 24.74 -2.40
C ALA G 21 30.12 24.93 -1.37
N GLN G 22 29.96 26.15 -0.89
CA GLN G 22 28.87 26.50 0.00
C GLN G 22 27.69 27.01 -0.83
N TYR G 23 27.74 26.75 -2.15
CA TYR G 23 26.71 27.18 -3.07
C TYR G 23 26.45 26.15 -4.16
N LEU G 24 25.17 25.95 -4.48
CA LEU G 24 24.77 25.27 -5.72
C LEU G 24 23.33 25.65 -6.07
N ALA G 25 22.98 25.48 -7.35
CA ALA G 25 21.61 25.68 -7.82
C ALA G 25 20.97 24.35 -8.24
N LEU G 26 19.97 24.40 -9.11
CA LEU G 26 19.31 23.21 -9.65
C LEU G 26 20.16 22.20 -10.43
N PRO G 27 20.96 22.67 -11.41
CA PRO G 27 21.36 21.76 -12.50
C PRO G 27 22.10 20.50 -12.07
N GLU G 28 22.89 20.57 -11.00
CA GLU G 28 23.58 19.39 -10.49
C GLU G 28 22.61 18.33 -9.94
N ARG G 29 21.44 18.76 -9.48
CA ARG G 29 20.65 18.00 -8.51
C ARG G 29 20.25 16.59 -8.97
N ALA G 30 20.23 16.37 -10.27
CA ALA G 30 19.97 15.04 -10.83
C ALA G 30 20.98 13.98 -10.36
N GLU G 31 22.16 13.94 -10.97
CA GLU G 31 23.19 12.98 -10.59
C GLU G 31 23.60 13.21 -9.14
N LEU G 32 23.44 14.44 -8.69
CA LEU G 32 23.68 14.84 -7.32
C LEU G 32 22.79 14.10 -6.32
N ALA G 33 21.62 13.64 -6.77
CA ALA G 33 20.61 13.06 -5.87
C ALA G 33 19.73 11.98 -6.55
N ALA G 34 19.42 12.11 -7.84
CA ALA G 34 18.58 11.13 -8.55
C ALA G 34 19.22 9.74 -8.65
N GLN G 35 20.55 9.70 -8.63
CA GLN G 35 21.30 8.46 -8.53
C GLN G 35 21.35 8.02 -7.06
N LEU G 36 20.77 8.86 -6.20
CA LEU G 36 20.83 8.67 -4.76
C LEU G 36 19.40 8.57 -4.21
N GLY G 37 18.45 9.09 -4.97
CA GLY G 37 17.04 8.84 -4.74
C GLY G 37 16.16 9.89 -4.09
N LEU G 38 16.77 10.87 -3.43
CA LEU G 38 16.02 11.78 -2.56
C LEU G 38 15.54 13.05 -3.27
N THR G 39 14.58 13.74 -2.66
CA THR G 39 13.88 14.86 -3.29
C THR G 39 14.66 16.18 -3.25
N GLN G 40 14.13 17.20 -3.93
CA GLN G 40 14.78 18.50 -4.07
C GLN G 40 14.98 19.22 -2.74
N THR G 41 13.88 19.44 -2.03
CA THR G 41 13.83 20.33 -0.87
C THR G 41 14.41 19.66 0.36
N GLN G 42 14.77 18.39 0.19
CA GLN G 42 15.40 17.60 1.24
C GLN G 42 16.72 18.21 1.68
N VAL G 43 17.38 18.94 0.78
CA VAL G 43 18.76 19.34 0.96
C VAL G 43 19.09 20.77 0.47
N LYS G 44 18.12 21.49 -0.08
CA LYS G 44 18.30 22.93 -0.35
C LYS G 44 18.59 23.58 1.00
N ILE G 45 17.96 23.00 2.01
CA ILE G 45 18.20 23.26 3.43
C ILE G 45 19.61 22.98 3.97
N TRP G 46 20.25 21.93 3.49
CA TRP G 46 21.34 21.30 4.25
C TRP G 46 22.63 22.11 4.39
N PHE G 47 22.90 23.03 3.47
CA PHE G 47 23.94 24.01 3.70
C PHE G 47 23.47 24.87 4.85
N GLN G 48 22.21 25.31 4.73
CA GLN G 48 21.59 26.23 5.69
C GLN G 48 21.54 25.58 7.08
N ASN G 49 21.50 24.25 7.09
CA ASN G 49 21.69 23.50 8.33
C ASN G 49 23.09 23.64 8.91
N ARG G 50 24.06 23.90 8.03
CA ARG G 50 25.47 23.91 8.41
C ARG G 50 26.18 25.26 8.20
N ARG G 51 25.44 26.34 7.95
CA ARG G 51 26.05 27.67 7.98
C ARG G 51 26.19 28.09 9.44
N SER G 52 25.68 27.23 10.31
CA SER G 52 26.23 27.05 11.67
C SER G 52 26.04 25.55 11.91
N LYS G 53 26.81 24.90 12.77
CA LYS G 53 27.45 25.47 13.95
C LYS G 53 28.57 26.51 13.73
N PHE G 54 28.76 27.34 14.75
CA PHE G 54 29.69 28.49 14.77
C PHE G 54 29.54 29.36 13.52
N LYS G 55 30.50 29.33 12.60
CA LYS G 55 30.45 30.16 11.39
C LYS G 55 30.35 31.64 11.76
N LYS G 56 31.08 32.02 12.80
CA LYS G 56 31.14 33.40 13.26
C LYS G 56 31.73 34.30 12.19
N LYS H 1 -19.69 -0.44 -10.27
CA LYS H 1 -20.93 -1.18 -10.53
C LYS H 1 -20.78 -2.10 -11.74
N PRO H 2 -20.14 -3.27 -11.56
CA PRO H 2 -19.45 -3.74 -10.35
C PRO H 2 -17.97 -4.06 -10.57
N ARG H 3 -17.23 -4.18 -9.48
CA ARG H 3 -15.77 -4.28 -9.49
C ARG H 3 -15.20 -5.32 -10.48
N THR H 4 -15.48 -6.60 -10.24
CA THR H 4 -15.07 -7.70 -11.12
C THR H 4 -13.56 -7.98 -11.12
N ILE H 5 -13.23 -9.27 -11.20
CA ILE H 5 -11.89 -9.72 -11.53
C ILE H 5 -12.05 -10.89 -12.49
N TYR H 6 -10.98 -11.28 -13.17
CA TYR H 6 -11.07 -12.29 -14.21
C TYR H 6 -11.02 -13.72 -13.63
N SER H 7 -10.02 -14.08 -12.81
CA SER H 7 -8.85 -13.28 -12.46
C SER H 7 -7.57 -13.81 -13.11
N SER H 8 -7.71 -14.69 -14.11
CA SER H 8 -6.56 -15.13 -14.90
C SER H 8 -5.93 -13.90 -15.53
N TYR H 9 -4.60 -13.85 -15.65
CA TYR H 9 -3.89 -12.59 -15.88
C TYR H 9 -3.10 -12.57 -17.20
N GLN H 10 -3.30 -11.65 -18.16
CA GLN H 10 -4.38 -10.63 -18.32
C GLN H 10 -4.33 -9.38 -17.42
N LEU H 11 -4.30 -9.52 -16.10
CA LEU H 11 -4.33 -8.38 -15.21
C LEU H 11 -3.03 -7.63 -15.40
N ALA H 12 -1.95 -8.13 -14.83
CA ALA H 12 -0.64 -7.50 -14.97
C ALA H 12 -0.14 -7.55 -16.42
N ALA H 13 -0.82 -8.35 -17.25
CA ALA H 13 -0.58 -8.33 -18.70
C ALA H 13 -0.96 -6.98 -19.27
N LEU H 14 -1.74 -6.21 -18.50
CA LEU H 14 -2.15 -4.86 -18.88
C LEU H 14 -0.96 -3.96 -19.13
N GLN H 15 0.18 -4.30 -18.53
CA GLN H 15 1.35 -3.43 -18.52
C GLN H 15 1.86 -3.17 -19.93
N ARG H 16 1.63 -4.11 -20.84
CA ARG H 16 1.77 -3.84 -22.26
C ARG H 16 0.72 -2.78 -22.61
N ARG H 17 1.13 -1.75 -23.35
CA ARG H 17 0.31 -0.55 -23.62
C ARG H 17 0.24 0.41 -22.41
N PHE H 18 0.15 -0.13 -21.20
CA PHE H 18 -0.07 0.69 -19.99
C PHE H 18 1.12 1.52 -19.53
N GLN H 19 2.28 0.86 -19.41
CA GLN H 19 3.36 1.36 -18.55
C GLN H 19 3.91 2.70 -19.00
N LYS H 20 3.73 3.00 -20.28
CA LYS H 20 4.24 4.23 -20.85
C LYS H 20 3.30 5.40 -20.51
N ALA H 21 2.84 6.14 -21.52
CA ALA H 21 1.96 7.27 -21.26
C ALA H 21 0.66 6.82 -20.61
N GLN H 22 0.22 7.54 -19.57
CA GLN H 22 -1.03 7.22 -18.88
C GLN H 22 -2.20 7.57 -19.80
N TYR H 23 -2.07 8.66 -20.53
CA TYR H 23 -3.01 8.99 -21.59
C TYR H 23 -2.87 7.90 -22.64
N LEU H 24 -3.98 7.49 -23.25
CA LEU H 24 -3.93 6.44 -24.25
C LEU H 24 -4.78 6.86 -25.45
N ALA H 25 -5.34 5.88 -26.16
CA ALA H 25 -6.00 6.14 -27.43
C ALA H 25 -6.72 4.88 -27.90
N LEU H 26 -7.72 5.06 -28.74
CA LEU H 26 -8.50 3.95 -29.28
C LEU H 26 -7.69 2.89 -30.05
N PRO H 27 -6.70 3.28 -30.88
CA PRO H 27 -6.08 2.29 -31.76
C PRO H 27 -5.50 1.14 -30.94
N GLU H 28 -5.09 1.45 -29.72
CA GLU H 28 -4.81 0.42 -28.73
C GLU H 28 -6.13 -0.17 -28.17
N ARG H 29 -7.09 0.70 -27.85
CA ARG H 29 -8.39 0.28 -27.35
C ARG H 29 -9.27 -0.30 -28.46
N ALA H 30 -8.84 -0.10 -29.70
CA ALA H 30 -9.63 -0.36 -30.90
C ALA H 30 -10.01 -1.82 -31.02
N GLU H 31 -9.15 -2.69 -30.52
CA GLU H 31 -9.47 -4.09 -30.36
C GLU H 31 -9.92 -4.34 -28.92
N LEU H 32 -9.28 -3.61 -28.00
CA LEU H 32 -9.16 -4.02 -26.60
C LEU H 32 -10.45 -4.15 -25.80
N ALA H 33 -11.45 -3.32 -26.09
CA ALA H 33 -12.67 -3.33 -25.29
C ALA H 33 -13.36 -4.68 -25.42
N ALA H 34 -13.85 -4.99 -26.63
CA ALA H 34 -14.50 -6.27 -26.89
C ALA H 34 -13.50 -7.41 -26.69
N GLN H 35 -12.20 -7.09 -26.79
CA GLN H 35 -11.13 -8.05 -26.56
C GLN H 35 -11.08 -8.51 -25.10
N LEU H 36 -10.49 -9.68 -24.89
CA LEU H 36 -10.21 -10.20 -23.55
C LEU H 36 -11.49 -10.65 -22.84
N GLY H 37 -12.32 -9.69 -22.44
CA GLY H 37 -13.52 -9.96 -21.68
C GLY H 37 -13.93 -8.75 -20.86
N LEU H 38 -13.62 -7.56 -21.38
CA LEU H 38 -13.82 -6.31 -20.65
C LEU H 38 -14.41 -5.25 -21.58
N THR H 39 -14.10 -3.98 -21.33
CA THR H 39 -14.63 -2.87 -22.13
C THR H 39 -13.71 -1.66 -21.92
N GLN H 40 -13.97 -0.57 -22.65
CA GLN H 40 -13.25 0.69 -22.43
C GLN H 40 -13.48 1.24 -21.01
N THR H 41 -14.64 0.92 -20.45
CA THR H 41 -15.06 1.45 -19.15
C THR H 41 -14.45 0.69 -17.97
N GLN H 42 -13.75 -0.40 -18.25
CA GLN H 42 -13.11 -1.22 -17.22
C GLN H 42 -11.69 -0.76 -16.91
N VAL H 43 -11.24 0.30 -17.57
CA VAL H 43 -9.81 0.53 -17.78
C VAL H 43 -9.35 1.96 -17.44
N LYS H 44 -9.96 2.97 -18.03
CA LYS H 44 -9.60 4.36 -17.71
C LYS H 44 -9.99 4.62 -16.25
N ILE H 45 -10.86 3.77 -15.74
CA ILE H 45 -11.14 3.70 -14.31
C ILE H 45 -9.85 3.44 -13.55
N TRP H 46 -8.97 2.64 -14.18
CA TRP H 46 -7.71 2.22 -13.59
C TRP H 46 -6.60 3.24 -13.79
N PHE H 47 -6.65 3.87 -14.97
CA PHE H 47 -5.68 4.86 -15.36
C PHE H 47 -5.50 5.91 -14.26
N GLN H 48 -6.51 6.77 -14.10
CA GLN H 48 -6.45 7.82 -13.10
C GLN H 48 -6.32 7.22 -11.71
N ASN H 49 -6.84 6.01 -11.52
CA ASN H 49 -6.72 5.31 -10.25
C ASN H 49 -5.26 5.07 -9.89
N ARG H 50 -4.43 4.84 -10.89
CA ARG H 50 -3.01 4.63 -10.66
C ARG H 50 -2.22 5.88 -11.03
N ARG H 51 -2.82 6.80 -11.79
CA ARG H 51 -2.23 8.13 -11.90
C ARG H 51 -2.28 8.75 -10.51
N SER H 52 -3.40 8.54 -9.82
CA SER H 52 -3.71 9.24 -8.58
C SER H 52 -3.01 8.65 -7.36
N LYS H 53 -2.46 7.44 -7.50
CA LYS H 53 -1.70 6.87 -6.40
C LYS H 53 -0.51 7.78 -6.14
N PHE H 54 0.02 8.32 -7.23
CA PHE H 54 1.03 9.37 -7.17
C PHE H 54 1.39 9.86 -8.59
N LYS H 55 1.58 11.16 -8.81
CA LYS H 55 1.48 12.26 -7.82
C LYS H 55 2.34 12.00 -6.58
N LYS H 56 1.68 11.74 -5.46
CA LYS H 56 2.39 11.31 -4.26
C LYS H 56 1.43 10.60 -3.30
#